data_1JAX
#
_entry.id   1JAX
#
_cell.length_a   38.64
_cell.length_b   72.14
_cell.length_c   70.4
_cell.angle_alpha   90.
_cell.angle_beta   90.12
_cell.angle_gamma   90.
#
_symmetry.space_group_name_H-M   'P 1 21 1'
#
loop_
_entity.id
_entity.type
_entity.pdbx_description
1 polymer 'conserved hypothetical protein'
2 non-polymer 'SODIUM ION'
3 non-polymer 'MAGNESIUM ION'
4 water water
#
_entity_poly.entity_id   1
_entity_poly.type   'polypeptide(L)'
_entity_poly.pdbx_seq_one_letter_code
;MRVALLGGTGNLGKGLALRLATLGHEIVVGSRREEKAEAKAAEYRRIAGDASITGMKNEDAAEACDIAVLTIPWEHAIDT
ARDLKNILREKIVVSPLVPVSRGAKGFTYSSERSAAEIVAEVLESEKVVSALHTIPAARFANLDEKFDWDVPVCGDDDES
KKVVMSLISEIDGLRPLDAGPLSNSRLVESLTPLILNIMRFNGMGELGIKFL
;
_entity_poly.pdbx_strand_id   A,B
#
# COMPACT_ATOMS: atom_id res chain seq x y z
N MET A 1 -14.02 -0.02 26.89
CA MET A 1 -15.09 0.86 26.34
C MET A 1 -16.13 0.06 25.56
N ARG A 2 -17.11 0.76 25.00
CA ARG A 2 -18.15 0.07 24.25
C ARG A 2 -18.01 0.23 22.77
N VAL A 3 -18.03 -0.90 22.07
CA VAL A 3 -17.86 -0.89 20.63
C VAL A 3 -19.01 -1.61 19.94
N ALA A 4 -19.66 -0.90 19.03
CA ALA A 4 -20.76 -1.45 18.26
C ALA A 4 -20.20 -1.91 16.92
N LEU A 5 -20.50 -3.14 16.55
CA LEU A 5 -20.06 -3.67 15.28
C LEU A 5 -21.33 -3.71 14.45
N LEU A 6 -21.55 -2.67 13.65
CA LEU A 6 -22.76 -2.59 12.84
C LEU A 6 -22.64 -3.57 11.69
N GLY A 7 -23.63 -4.45 11.59
CA GLY A 7 -23.61 -5.47 10.56
C GLY A 7 -22.46 -6.42 10.89
N GLY A 8 -22.13 -6.53 12.17
CA GLY A 8 -21.01 -7.36 12.60
C GLY A 8 -21.18 -8.87 12.58
N THR A 9 -22.01 -9.38 11.68
CA THR A 9 -22.27 -10.81 11.58
C THR A 9 -21.30 -11.54 10.64
N GLY A 10 -20.35 -10.80 10.05
CA GLY A 10 -19.37 -11.40 9.17
C GLY A 10 -18.05 -11.67 9.90
N ASN A 11 -17.01 -12.08 9.18
CA ASN A 11 -15.73 -12.39 9.83
C ASN A 11 -14.95 -11.24 10.42
N LEU A 12 -14.96 -10.08 9.77
CA LEU A 12 -14.25 -8.95 10.34
C LEU A 12 -14.87 -8.62 11.68
N GLY A 13 -16.20 -8.56 11.69
CA GLY A 13 -16.93 -8.28 12.91
C GLY A 13 -16.64 -9.38 13.92
N LYS A 14 -16.59 -10.63 13.46
CA LYS A 14 -16.31 -11.75 14.36
C LYS A 14 -14.94 -11.56 15.03
N GLY A 15 -13.92 -11.36 14.21
CA GLY A 15 -12.57 -11.16 14.74
C GLY A 15 -12.48 -10.03 15.75
N LEU A 16 -13.10 -8.90 15.44
CA LEU A 16 -13.09 -7.77 16.35
C LEU A 16 -13.85 -8.08 17.64
N ALA A 17 -15.03 -8.70 17.52
CA ALA A 17 -15.79 -9.00 18.73
C ALA A 17 -15.05 -9.93 19.66
N LEU A 18 -14.46 -10.98 19.10
CA LEU A 18 -13.75 -11.92 19.93
C LEU A 18 -12.55 -11.29 20.62
N ARG A 19 -11.70 -10.62 19.84
CA ARG A 19 -10.49 -10.07 20.43
C ARG A 19 -10.72 -8.95 21.40
N LEU A 20 -11.58 -7.99 21.04
CA LEU A 20 -11.84 -6.86 21.93
C LEU A 20 -12.62 -7.28 23.18
N ALA A 21 -13.54 -8.22 23.02
CA ALA A 21 -14.33 -8.71 24.17
C ALA A 21 -13.43 -9.43 25.16
N THR A 22 -12.51 -10.23 24.65
CA THR A 22 -11.60 -10.94 25.52
C THR A 22 -10.70 -9.98 26.28
N LEU A 23 -10.43 -8.80 25.70
CA LEU A 23 -9.61 -7.75 26.33
C LEU A 23 -10.40 -6.97 27.39
N GLY A 24 -11.69 -7.25 27.50
CA GLY A 24 -12.49 -6.57 28.52
C GLY A 24 -13.45 -5.49 28.05
N HIS A 25 -13.50 -5.23 26.75
CA HIS A 25 -14.41 -4.23 26.20
C HIS A 25 -15.82 -4.83 26.05
N GLU A 26 -16.82 -3.96 26.11
CA GLU A 26 -18.21 -4.40 25.94
C GLU A 26 -18.53 -4.26 24.46
N ILE A 27 -18.82 -5.39 23.83
CA ILE A 27 -19.11 -5.44 22.41
C ILE A 27 -20.58 -5.62 22.13
N VAL A 28 -21.12 -4.83 21.20
CA VAL A 28 -22.50 -4.98 20.80
C VAL A 28 -22.50 -5.31 19.32
N VAL A 29 -23.02 -6.48 18.99
CA VAL A 29 -23.09 -6.89 17.61
C VAL A 29 -24.41 -6.30 17.09
N GLY A 30 -24.34 -5.56 16.01
CA GLY A 30 -25.53 -4.94 15.45
C GLY A 30 -25.98 -5.63 14.18
N SER A 31 -27.30 -5.67 14.00
CA SER A 31 -27.89 -6.31 12.84
C SER A 31 -29.23 -5.61 12.58
N ARG A 32 -29.89 -5.93 11.49
CA ARG A 32 -31.18 -5.30 11.20
C ARG A 32 -32.25 -5.73 12.21
N ARG A 33 -32.27 -7.01 12.54
CA ARG A 33 -33.24 -7.56 13.50
C ARG A 33 -32.60 -7.87 14.86
N GLU A 34 -33.22 -7.40 15.95
CA GLU A 34 -32.70 -7.61 17.29
C GLU A 34 -32.43 -9.10 17.59
N GLU A 35 -33.37 -9.96 17.22
CA GLU A 35 -33.21 -11.39 17.49
C GLU A 35 -32.02 -12.04 16.77
N LYS A 36 -31.74 -11.61 15.54
CA LYS A 36 -30.61 -12.19 14.80
C LYS A 36 -29.27 -11.70 15.35
N ALA A 37 -29.23 -10.47 15.84
CA ALA A 37 -28.01 -9.92 16.40
C ALA A 37 -27.71 -10.70 17.67
N GLU A 38 -28.77 -11.00 18.42
CA GLU A 38 -28.65 -11.72 19.68
C GLU A 38 -28.06 -13.11 19.49
N ALA A 39 -28.42 -13.77 18.39
CA ALA A 39 -27.94 -15.12 18.12
C ALA A 39 -26.46 -15.11 17.72
N LYS A 40 -26.07 -14.11 16.94
CA LYS A 40 -24.69 -13.99 16.49
C LYS A 40 -23.80 -13.71 17.70
N ALA A 41 -24.26 -12.83 18.57
CA ALA A 41 -23.50 -12.49 19.77
C ALA A 41 -23.34 -13.74 20.64
N ALA A 42 -24.40 -14.53 20.74
CA ALA A 42 -24.35 -15.76 21.53
C ALA A 42 -23.27 -16.71 20.97
N GLU A 43 -23.25 -16.85 19.65
CA GLU A 43 -22.26 -17.69 18.99
C GLU A 43 -20.84 -17.22 19.31
N TYR A 44 -20.65 -15.90 19.33
CA TYR A 44 -19.33 -15.33 19.63
C TYR A 44 -18.98 -15.55 21.10
N ARG A 45 -19.97 -15.37 21.97
CA ARG A 45 -19.74 -15.54 23.39
C ARG A 45 -19.29 -16.98 23.69
N ARG A 46 -19.79 -17.95 22.96
CA ARG A 46 -19.39 -19.33 23.21
C ARG A 46 -17.95 -19.57 22.82
N ILE A 47 -17.44 -18.79 21.86
CA ILE A 47 -16.06 -18.94 21.45
C ILE A 47 -15.18 -18.19 22.44
N ALA A 48 -15.55 -16.95 22.74
CA ALA A 48 -14.78 -16.10 23.63
C ALA A 48 -14.77 -16.51 25.10
N GLY A 49 -15.83 -17.15 25.56
CA GLY A 49 -15.89 -17.55 26.95
C GLY A 49 -16.62 -16.53 27.78
N ASP A 50 -16.03 -16.14 28.91
CA ASP A 50 -16.62 -15.18 29.82
C ASP A 50 -16.31 -13.76 29.34
N ALA A 51 -17.08 -13.30 28.36
CA ALA A 51 -16.85 -11.98 27.78
C ALA A 51 -18.19 -11.28 27.50
N SER A 52 -18.14 -9.95 27.43
CA SER A 52 -19.35 -9.17 27.19
C SER A 52 -19.59 -8.92 25.71
N ILE A 53 -20.43 -9.75 25.11
CA ILE A 53 -20.80 -9.62 23.70
C ILE A 53 -22.33 -9.73 23.71
N THR A 54 -22.98 -8.63 23.35
CA THR A 54 -24.43 -8.52 23.34
C THR A 54 -24.94 -8.19 21.93
N GLY A 55 -26.16 -8.62 21.63
CA GLY A 55 -26.72 -8.34 20.31
C GLY A 55 -27.86 -7.34 20.41
N MET A 56 -27.97 -6.45 19.44
CA MET A 56 -29.02 -5.42 19.39
C MET A 56 -29.30 -5.02 17.96
N LYS A 57 -30.39 -4.29 17.74
CA LYS A 57 -30.71 -3.79 16.39
C LYS A 57 -29.58 -2.78 16.14
N ASN A 58 -29.19 -2.57 14.87
CA ASN A 58 -28.12 -1.61 14.58
C ASN A 58 -28.35 -0.26 15.24
N GLU A 59 -29.58 0.24 15.13
CA GLU A 59 -29.93 1.52 15.72
C GLU A 59 -29.64 1.54 17.21
N ASP A 60 -30.03 0.48 17.94
CA ASP A 60 -29.81 0.42 19.39
C ASP A 60 -28.35 0.20 19.75
N ALA A 61 -27.65 -0.59 18.93
CA ALA A 61 -26.23 -0.86 19.15
C ALA A 61 -25.46 0.46 19.01
N ALA A 62 -25.75 1.20 17.94
CA ALA A 62 -25.09 2.49 17.72
C ALA A 62 -25.38 3.42 18.89
N GLU A 63 -26.63 3.46 19.34
CA GLU A 63 -26.99 4.33 20.44
C GLU A 63 -26.29 3.98 21.76
N ALA A 64 -26.03 2.70 21.96
CA ALA A 64 -25.40 2.26 23.21
C ALA A 64 -23.87 2.30 23.20
N CYS A 65 -23.26 2.44 22.04
CA CYS A 65 -21.81 2.43 21.87
C CYS A 65 -21.07 3.74 22.07
N ASP A 66 -19.75 3.63 22.18
CA ASP A 66 -18.87 4.80 22.28
C ASP A 66 -18.30 4.91 20.86
N ILE A 67 -17.99 3.74 20.29
CA ILE A 67 -17.41 3.68 18.95
C ILE A 67 -18.28 2.75 18.11
N ALA A 68 -18.54 3.14 16.86
CA ALA A 68 -19.32 2.31 15.97
C ALA A 68 -18.45 1.96 14.79
N VAL A 69 -18.27 0.67 14.52
CA VAL A 69 -17.47 0.23 13.39
C VAL A 69 -18.40 -0.23 12.28
N LEU A 70 -18.23 0.33 11.08
CA LEU A 70 -19.09 -0.01 9.95
C LEU A 70 -18.59 -1.29 9.27
N THR A 71 -18.93 -2.42 9.87
CA THR A 71 -18.53 -3.73 9.36
C THR A 71 -19.60 -4.26 8.41
N ILE A 72 -19.94 -3.45 7.42
CA ILE A 72 -20.96 -3.76 6.42
C ILE A 72 -20.33 -3.61 5.03
N PRO A 73 -20.86 -4.31 4.02
CA PRO A 73 -20.26 -4.15 2.69
C PRO A 73 -20.44 -2.72 2.16
N TRP A 74 -19.58 -2.33 1.23
CA TRP A 74 -19.64 -0.98 0.66
C TRP A 74 -20.96 -0.71 -0.07
N GLU A 75 -21.47 -1.72 -0.77
CA GLU A 75 -22.70 -1.55 -1.53
C GLU A 75 -23.81 -0.69 -0.90
N HIS A 76 -24.21 -1.00 0.33
CA HIS A 76 -25.25 -0.19 0.97
C HIS A 76 -24.76 0.52 2.21
N ALA A 77 -23.46 0.82 2.24
CA ALA A 77 -22.88 1.50 3.40
C ALA A 77 -23.35 2.94 3.57
N ILE A 78 -23.43 3.68 2.47
CA ILE A 78 -23.86 5.07 2.59
C ILE A 78 -25.33 5.19 2.98
N ASP A 79 -26.15 4.28 2.44
CA ASP A 79 -27.58 4.29 2.79
C ASP A 79 -27.69 3.95 4.28
N THR A 80 -26.86 3.02 4.75
CA THR A 80 -26.89 2.65 6.15
C THR A 80 -26.45 3.81 7.03
N ALA A 81 -25.35 4.46 6.65
CA ALA A 81 -24.85 5.59 7.43
C ALA A 81 -25.91 6.70 7.49
N ARG A 82 -26.56 6.97 6.37
CA ARG A 82 -27.58 8.01 6.29
C ARG A 82 -28.75 7.67 7.23
N ASP A 83 -29.16 6.41 7.23
CA ASP A 83 -30.27 5.99 8.07
C ASP A 83 -29.96 6.18 9.55
N LEU A 84 -28.69 6.03 9.92
CA LEU A 84 -28.24 6.14 11.31
C LEU A 84 -27.57 7.46 11.66
N LYS A 85 -27.63 8.40 10.73
CA LYS A 85 -27.02 9.70 10.91
C LYS A 85 -27.23 10.42 12.24
N ASN A 86 -28.48 10.55 12.68
CA ASN A 86 -28.73 11.28 13.91
C ASN A 86 -28.12 10.64 15.13
N ILE A 87 -27.97 9.32 15.07
CA ILE A 87 -27.40 8.57 16.16
C ILE A 87 -25.85 8.58 16.08
N LEU A 88 -25.33 8.30 14.89
CA LEU A 88 -23.89 8.22 14.66
C LEU A 88 -23.04 9.49 14.67
N ARG A 89 -23.59 10.61 14.21
CA ARG A 89 -22.84 11.86 14.17
C ARG A 89 -22.23 12.29 15.50
N GLU A 90 -22.71 11.72 16.60
CA GLU A 90 -22.20 12.08 17.92
C GLU A 90 -21.22 11.04 18.47
N LYS A 91 -21.04 9.93 17.74
CA LYS A 91 -20.15 8.88 18.21
C LYS A 91 -18.90 8.85 17.33
N ILE A 92 -17.92 8.07 17.75
CA ILE A 92 -16.72 7.93 16.93
C ILE A 92 -17.15 6.84 15.96
N VAL A 93 -16.95 7.08 14.68
CA VAL A 93 -17.32 6.10 13.68
C VAL A 93 -16.09 5.64 12.93
N VAL A 94 -15.87 4.33 12.94
CA VAL A 94 -14.70 3.77 12.22
C VAL A 94 -15.16 3.19 10.90
N SER A 95 -14.50 3.61 9.84
CA SER A 95 -14.78 3.12 8.49
C SER A 95 -13.64 2.27 7.91
N PRO A 96 -13.89 0.97 7.66
CA PRO A 96 -12.93 0.02 7.08
C PRO A 96 -13.37 -0.19 5.61
N LEU A 97 -14.32 0.64 5.17
CA LEU A 97 -14.91 0.56 3.83
C LEU A 97 -13.98 0.91 2.68
N VAL A 98 -14.14 0.18 1.59
CA VAL A 98 -13.29 0.44 0.42
C VAL A 98 -14.16 0.28 -0.83
N PRO A 99 -14.10 1.24 -1.75
CA PRO A 99 -14.87 1.16 -3.00
C PRO A 99 -13.99 0.38 -3.99
N VAL A 100 -14.37 -0.86 -4.28
CA VAL A 100 -13.58 -1.66 -5.21
C VAL A 100 -14.42 -2.21 -6.36
N SER A 101 -13.83 -2.22 -7.55
CA SER A 101 -14.49 -2.77 -8.72
C SER A 101 -13.64 -3.95 -9.16
N ARG A 102 -14.30 -5.00 -9.65
CA ARG A 102 -13.57 -6.18 -10.10
C ARG A 102 -13.80 -6.35 -11.60
N GLY A 103 -12.71 -6.35 -12.37
CA GLY A 103 -12.85 -6.48 -13.81
C GLY A 103 -11.89 -7.46 -14.42
N ALA A 104 -11.92 -7.52 -15.76
CA ALA A 104 -11.09 -8.41 -16.53
C ALA A 104 -9.60 -8.20 -16.26
N LYS A 105 -9.21 -6.96 -16.03
CA LYS A 105 -7.81 -6.64 -15.80
C LYS A 105 -7.41 -6.53 -14.33
N GLY A 106 -8.29 -6.94 -13.43
CA GLY A 106 -7.97 -6.90 -12.02
C GLY A 106 -8.93 -6.06 -11.20
N PHE A 107 -8.47 -5.64 -10.02
CA PHE A 107 -9.26 -4.84 -9.12
C PHE A 107 -8.84 -3.39 -9.17
N THR A 108 -9.83 -2.50 -9.11
CA THR A 108 -9.55 -1.08 -9.18
C THR A 108 -10.30 -0.31 -8.08
N TYR A 109 -9.77 0.85 -7.76
CA TYR A 109 -10.36 1.73 -6.77
C TYR A 109 -11.47 2.42 -7.56
N SER A 110 -12.71 2.20 -7.13
CA SER A 110 -13.85 2.67 -7.88
C SER A 110 -14.52 3.97 -7.49
N SER A 111 -13.84 4.81 -6.74
CA SER A 111 -14.41 6.09 -6.37
C SER A 111 -13.43 7.24 -6.57
N GLU A 112 -13.96 8.42 -6.80
CA GLU A 112 -13.10 9.59 -6.96
C GLU A 112 -12.77 10.08 -5.56
N ARG A 113 -13.76 10.02 -4.67
CA ARG A 113 -13.56 10.44 -3.30
C ARG A 113 -13.48 9.16 -2.48
N SER A 114 -12.86 9.23 -1.31
CA SER A 114 -12.76 8.03 -0.50
C SER A 114 -14.06 7.66 0.20
N ALA A 115 -14.18 6.39 0.54
CA ALA A 115 -15.36 5.92 1.25
C ALA A 115 -15.47 6.66 2.58
N ALA A 116 -14.34 6.82 3.29
CA ALA A 116 -14.40 7.50 4.59
C ALA A 116 -14.87 8.95 4.48
N GLU A 117 -14.39 9.66 3.47
CA GLU A 117 -14.80 11.04 3.33
C GLU A 117 -16.27 11.16 2.95
N ILE A 118 -16.77 10.21 2.15
CA ILE A 118 -18.20 10.24 1.79
C ILE A 118 -19.04 9.98 3.04
N VAL A 119 -18.58 9.05 3.88
CA VAL A 119 -19.31 8.74 5.10
C VAL A 119 -19.35 9.96 6.03
N ALA A 120 -18.22 10.66 6.17
CA ALA A 120 -18.17 11.84 7.03
C ALA A 120 -19.16 12.89 6.53
N GLU A 121 -19.22 13.04 5.21
CA GLU A 121 -20.13 14.02 4.60
C GLU A 121 -21.58 13.67 4.85
N VAL A 122 -21.95 12.41 4.66
CA VAL A 122 -23.34 12.02 4.89
C VAL A 122 -23.69 12.22 6.36
N LEU A 123 -22.78 11.84 7.24
CA LEU A 123 -23.05 11.98 8.68
C LEU A 123 -22.88 13.41 9.20
N GLU A 124 -22.31 14.30 8.39
CA GLU A 124 -22.04 15.67 8.83
C GLU A 124 -21.27 15.53 10.14
N SER A 125 -20.23 14.70 10.11
CA SER A 125 -19.45 14.45 11.31
C SER A 125 -17.97 14.66 11.12
N GLU A 126 -17.29 15.11 12.19
CA GLU A 126 -15.85 15.33 12.19
C GLU A 126 -15.16 14.18 12.91
N LYS A 127 -15.95 13.22 13.42
CA LYS A 127 -15.40 12.08 14.17
C LYS A 127 -15.32 10.75 13.43
N VAL A 128 -15.14 10.80 12.13
CA VAL A 128 -14.99 9.59 11.36
C VAL A 128 -13.49 9.27 11.35
N VAL A 129 -13.16 8.01 11.60
CA VAL A 129 -11.79 7.55 11.60
C VAL A 129 -11.72 6.42 10.58
N SER A 130 -10.77 6.50 9.64
CA SER A 130 -10.61 5.47 8.62
C SER A 130 -9.59 4.46 9.15
N ALA A 131 -10.00 3.18 9.31
CA ALA A 131 -9.07 2.15 9.80
C ALA A 131 -9.57 0.73 9.56
N LEU A 132 -8.64 -0.23 9.57
CA LEU A 132 -8.94 -1.66 9.47
C LEU A 132 -9.31 -2.24 8.12
N HIS A 133 -9.04 -1.48 7.06
CA HIS A 133 -9.35 -1.92 5.69
C HIS A 133 -8.58 -3.15 5.25
N THR A 134 -7.36 -3.31 5.75
CA THR A 134 -6.53 -4.42 5.27
C THR A 134 -6.34 -5.55 6.24
N ILE A 135 -7.42 -5.95 6.88
CA ILE A 135 -7.35 -7.08 7.80
C ILE A 135 -8.05 -8.28 7.16
N PRO A 136 -7.27 -9.30 6.74
CA PRO A 136 -7.87 -10.51 6.14
C PRO A 136 -8.90 -11.03 7.13
N ALA A 137 -10.17 -10.94 6.75
CA ALA A 137 -11.28 -11.32 7.60
C ALA A 137 -11.29 -12.71 8.20
N ALA A 138 -11.22 -13.73 7.36
CA ALA A 138 -11.25 -15.11 7.84
C ALA A 138 -10.07 -15.43 8.75
N ARG A 139 -8.89 -14.94 8.40
CA ARG A 139 -7.72 -15.20 9.22
C ARG A 139 -7.87 -14.52 10.57
N PHE A 140 -8.36 -13.28 10.55
CA PHE A 140 -8.53 -12.49 11.76
C PHE A 140 -9.58 -13.09 12.70
N ALA A 141 -10.55 -13.80 12.13
CA ALA A 141 -11.59 -14.40 12.95
C ALA A 141 -11.14 -15.68 13.65
N ASN A 142 -9.96 -16.19 13.27
CA ASN A 142 -9.40 -17.42 13.87
C ASN A 142 -8.43 -17.02 14.99
N LEU A 143 -8.77 -17.33 16.24
CA LEU A 143 -7.91 -16.94 17.37
C LEU A 143 -6.54 -17.61 17.44
N ASP A 144 -6.35 -18.68 16.67
CA ASP A 144 -5.05 -19.36 16.66
C ASP A 144 -4.17 -18.82 15.53
N GLU A 145 -4.71 -17.90 14.75
CA GLU A 145 -3.96 -17.35 13.61
C GLU A 145 -2.78 -16.50 14.02
N LYS A 146 -1.60 -16.78 13.45
CA LYS A 146 -0.44 -15.94 13.74
C LYS A 146 -0.36 -14.86 12.65
N PHE A 147 -0.20 -13.61 13.04
CA PHE A 147 -0.07 -12.53 12.07
C PHE A 147 0.62 -11.35 12.75
N ASP A 148 1.25 -10.48 11.95
CA ASP A 148 1.93 -9.27 12.41
C ASP A 148 1.54 -8.27 11.33
N TRP A 149 0.50 -7.49 11.59
CA TRP A 149 0.01 -6.53 10.61
C TRP A 149 -0.02 -5.09 11.10
N ASP A 150 0.24 -4.16 10.18
CA ASP A 150 0.15 -2.75 10.52
C ASP A 150 -1.20 -2.26 10.01
N VAL A 151 -1.75 -1.28 10.71
CA VAL A 151 -3.05 -0.74 10.38
C VAL A 151 -2.99 0.77 10.25
N PRO A 152 -2.93 1.30 9.00
CA PRO A 152 -2.89 2.75 8.83
C PRO A 152 -4.24 3.34 9.29
N VAL A 153 -4.16 4.45 10.03
CA VAL A 153 -5.36 5.13 10.55
C VAL A 153 -5.37 6.60 10.14
N CYS A 154 -6.48 7.03 9.51
CA CYS A 154 -6.68 8.42 9.04
C CYS A 154 -7.85 9.05 9.78
N GLY A 155 -7.76 10.35 10.02
CA GLY A 155 -8.83 11.05 10.70
C GLY A 155 -8.48 12.50 10.89
N ASP A 156 -9.50 13.37 10.96
CA ASP A 156 -9.29 14.78 11.16
C ASP A 156 -9.37 15.19 12.62
N ASP A 157 -10.04 14.38 13.44
CA ASP A 157 -10.18 14.72 14.85
C ASP A 157 -9.12 13.96 15.62
N ASP A 158 -8.14 14.67 16.18
N ASP A 158 -8.16 14.69 16.19
CA ASP A 158 -7.06 13.97 16.87
CA ASP A 158 -7.06 14.05 16.91
C ASP A 158 -7.52 13.10 18.03
C ASP A 158 -7.49 13.13 18.04
N GLU A 159 -8.40 13.60 18.89
CA GLU A 159 -8.85 12.79 20.01
C GLU A 159 -9.50 11.49 19.58
N SER A 160 -10.38 11.57 18.59
CA SER A 160 -11.08 10.38 18.08
C SER A 160 -10.10 9.38 17.45
N LYS A 161 -9.14 9.89 16.70
CA LYS A 161 -8.14 9.05 16.08
C LYS A 161 -7.30 8.36 17.16
N LYS A 162 -6.91 9.11 18.19
CA LYS A 162 -6.10 8.55 19.28
C LYS A 162 -6.83 7.44 20.01
N VAL A 163 -8.13 7.63 20.23
CA VAL A 163 -8.95 6.60 20.88
C VAL A 163 -8.91 5.33 20.04
N VAL A 164 -9.15 5.48 18.74
CA VAL A 164 -9.17 4.30 17.86
C VAL A 164 -7.80 3.64 17.76
N MET A 165 -6.75 4.45 17.69
CA MET A 165 -5.40 3.88 17.63
C MET A 165 -5.08 3.12 18.91
N SER A 166 -5.48 3.68 20.05
N SER A 166 -5.50 3.69 20.03
CA SER A 166 -5.20 2.99 21.31
CA SER A 166 -5.25 3.05 21.32
C SER A 166 -5.93 1.66 21.36
C SER A 166 -5.94 1.69 21.36
N LEU A 167 -7.16 1.63 20.85
CA LEU A 167 -7.95 0.41 20.84
C LEU A 167 -7.28 -0.65 19.97
N ILE A 168 -6.89 -0.28 18.75
CA ILE A 168 -6.23 -1.23 17.86
C ILE A 168 -4.89 -1.73 18.46
N SER A 169 -4.15 -0.84 19.11
N SER A 169 -4.16 -0.83 19.11
CA SER A 169 -2.87 -1.23 19.68
CA SER A 169 -2.88 -1.19 19.69
C SER A 169 -3.03 -2.36 20.70
C SER A 169 -3.00 -2.29 20.76
N GLU A 170 -4.18 -2.41 21.36
CA GLU A 170 -4.42 -3.45 22.39
C GLU A 170 -4.51 -4.87 21.85
N ILE A 171 -4.82 -4.96 20.56
CA ILE A 171 -4.97 -6.25 19.91
C ILE A 171 -3.62 -6.81 19.47
N ASP A 172 -3.17 -7.88 20.12
N ASP A 172 -3.20 -7.88 20.11
CA ASP A 172 -1.90 -8.48 19.75
CA ASP A 172 -1.93 -8.53 19.78
C ASP A 172 -1.92 -8.87 18.29
C ASP A 172 -1.91 -8.91 18.29
N GLY A 173 -0.88 -8.47 17.56
CA GLY A 173 -0.79 -8.79 16.15
C GLY A 173 -1.06 -7.60 15.26
N LEU A 174 -1.58 -6.52 15.85
CA LEU A 174 -1.88 -5.29 15.10
C LEU A 174 -1.11 -4.11 15.66
N ARG A 175 -0.62 -3.25 14.77
CA ARG A 175 0.08 -2.04 15.17
C ARG A 175 -0.52 -0.91 14.37
N PRO A 176 -1.17 0.03 15.04
CA PRO A 176 -1.78 1.15 14.30
C PRO A 176 -0.69 2.16 13.97
N LEU A 177 -0.83 2.78 12.80
CA LEU A 177 0.11 3.83 12.38
C LEU A 177 -0.73 5.00 11.88
N ASP A 178 -0.42 6.21 12.34
CA ASP A 178 -1.15 7.41 11.92
C ASP A 178 -0.78 7.69 10.46
N ALA A 179 -1.80 7.85 9.60
CA ALA A 179 -1.54 8.17 8.19
C ALA A 179 -2.04 9.57 7.84
N GLY A 180 -2.38 10.35 8.87
CA GLY A 180 -2.78 11.71 8.63
C GLY A 180 -4.26 12.03 8.62
N PRO A 181 -4.65 13.14 7.98
N PRO A 181 -4.65 13.12 7.97
CA PRO A 181 -6.04 13.60 7.87
CA PRO A 181 -6.04 13.57 7.87
C PRO A 181 -6.89 12.62 7.07
C PRO A 181 -6.89 12.62 7.05
N LEU A 182 -8.21 12.82 7.08
CA LEU A 182 -9.08 11.95 6.32
C LEU A 182 -8.82 12.07 4.82
N SER A 183 -8.20 13.17 4.39
CA SER A 183 -7.90 13.32 2.97
C SER A 183 -6.85 12.30 2.49
N ASN A 184 -6.24 11.56 3.41
CA ASN A 184 -5.29 10.51 2.98
C ASN A 184 -5.99 9.14 2.98
N SER A 185 -7.29 9.11 3.27
CA SER A 185 -7.98 7.84 3.33
C SER A 185 -7.94 7.09 2.00
N ARG A 186 -7.93 7.81 0.88
CA ARG A 186 -7.89 7.11 -0.40
C ARG A 186 -6.63 6.26 -0.52
N LEU A 187 -5.53 6.75 0.02
CA LEU A 187 -4.24 6.03 -0.07
C LEU A 187 -4.30 4.76 0.76
N VAL A 188 -4.99 4.83 1.87
CA VAL A 188 -5.12 3.65 2.72
C VAL A 188 -6.11 2.65 2.14
N GLU A 189 -7.27 3.14 1.71
CA GLU A 189 -8.29 2.27 1.13
C GLU A 189 -7.77 1.57 -0.12
N SER A 190 -6.87 2.24 -0.85
CA SER A 190 -6.31 1.69 -2.08
C SER A 190 -5.49 0.43 -1.86
N LEU A 191 -5.04 0.20 -0.63
CA LEU A 191 -4.30 -1.04 -0.35
C LEU A 191 -5.17 -2.28 -0.63
N THR A 192 -6.47 -2.19 -0.41
CA THR A 192 -7.31 -3.36 -0.64
C THR A 192 -7.32 -3.85 -2.09
N PRO A 193 -7.62 -2.97 -3.06
CA PRO A 193 -7.59 -3.52 -4.42
C PRO A 193 -6.16 -3.93 -4.82
N LEU A 194 -5.16 -3.28 -4.25
CA LEU A 194 -3.79 -3.68 -4.59
C LEU A 194 -3.57 -5.12 -4.12
N ILE A 195 -3.95 -5.40 -2.88
CA ILE A 195 -3.78 -6.72 -2.33
C ILE A 195 -4.62 -7.75 -3.11
N LEU A 196 -5.86 -7.38 -3.47
CA LEU A 196 -6.69 -8.31 -4.24
C LEU A 196 -5.99 -8.62 -5.58
N ASN A 197 -5.29 -7.65 -6.16
CA ASN A 197 -4.57 -7.93 -7.41
C ASN A 197 -3.41 -8.88 -7.13
N ILE A 198 -2.67 -8.62 -6.06
CA ILE A 198 -1.54 -9.48 -5.71
C ILE A 198 -2.02 -10.91 -5.49
N MET A 199 -3.16 -11.05 -4.81
CA MET A 199 -3.71 -12.38 -4.56
C MET A 199 -4.04 -13.08 -5.88
N ARG A 200 -4.74 -12.36 -6.76
CA ARG A 200 -5.12 -12.92 -8.05
C ARG A 200 -3.95 -13.32 -8.95
N PHE A 201 -3.01 -12.41 -9.14
CA PHE A 201 -1.90 -12.67 -10.05
C PHE A 201 -0.71 -13.48 -9.53
N ASN A 202 -0.70 -13.82 -8.24
CA ASN A 202 0.36 -14.67 -7.66
C ASN A 202 -0.20 -15.91 -7.02
N GLY A 203 -1.50 -16.08 -7.11
CA GLY A 203 -2.16 -17.23 -6.53
C GLY A 203 -1.93 -17.30 -5.04
N MET A 204 -2.18 -16.19 -4.36
CA MET A 204 -2.00 -16.14 -2.91
C MET A 204 -3.30 -15.98 -2.17
N GLY A 205 -3.29 -16.44 -0.91
CA GLY A 205 -4.46 -16.31 -0.06
C GLY A 205 -4.55 -14.87 0.44
N GLU A 206 -5.50 -14.56 1.32
N GLU A 206 -5.46 -14.60 1.36
CA GLU A 206 -5.64 -13.19 1.80
CA GLU A 206 -5.65 -13.26 1.89
C GLU A 206 -4.44 -12.78 2.61
C GLU A 206 -4.41 -12.79 2.62
N LEU A 207 -4.05 -11.53 2.41
CA LEU A 207 -2.87 -10.95 3.04
C LEU A 207 -3.14 -9.62 3.71
N GLY A 208 -2.26 -9.30 4.64
CA GLY A 208 -2.28 -8.03 5.33
C GLY A 208 -1.00 -7.31 4.91
N ILE A 209 -0.75 -6.16 5.52
N ILE A 209 -0.75 -6.15 5.51
CA ILE A 209 0.45 -5.40 5.19
CA ILE A 209 0.43 -5.38 5.17
C ILE A 209 1.27 -5.08 6.43
C ILE A 209 1.25 -5.04 6.41
N LYS A 210 2.56 -4.90 6.22
CA LYS A 210 3.48 -4.57 7.29
C LYS A 210 4.54 -3.61 6.72
N PHE A 211 4.83 -2.53 7.45
CA PHE A 211 5.88 -1.61 7.01
C PHE A 211 7.15 -1.93 7.78
N LEU A 212 8.26 -2.11 7.09
CA LEU A 212 9.50 -2.50 7.76
C LEU A 212 10.77 -2.10 7.01
N MET B 1 22.87 -9.93 -17.47
CA MET B 1 22.34 -9.00 -18.52
C MET B 1 22.86 -7.60 -18.33
N ARG B 2 22.56 -6.73 -19.29
CA ARG B 2 23.04 -5.35 -19.22
C ARG B 2 21.90 -4.47 -18.73
N VAL B 3 22.18 -3.74 -17.65
CA VAL B 3 21.17 -2.87 -17.07
C VAL B 3 21.64 -1.40 -17.04
N ALA B 4 20.85 -0.53 -17.67
CA ALA B 4 21.16 0.89 -17.72
C ALA B 4 20.32 1.53 -16.64
N LEU B 5 20.97 2.36 -15.83
CA LEU B 5 20.29 3.09 -14.76
C LEU B 5 20.34 4.52 -15.26
N LEU B 6 19.28 4.94 -15.95
CA LEU B 6 19.21 6.29 -16.51
C LEU B 6 19.06 7.26 -15.33
N GLY B 7 19.94 8.26 -15.26
CA GLY B 7 19.92 9.18 -14.13
C GLY B 7 20.32 8.42 -12.87
N GLY B 8 21.08 7.34 -13.03
CA GLY B 8 21.44 6.53 -11.85
C GLY B 8 22.49 7.06 -10.88
N THR B 9 22.45 8.35 -10.62
CA THR B 9 23.41 8.97 -9.71
C THR B 9 22.89 9.21 -8.28
N GLY B 10 21.66 8.77 -8.00
CA GLY B 10 21.06 8.89 -6.68
C GLY B 10 21.17 7.58 -5.91
N ASN B 11 20.51 7.47 -4.75
CA ASN B 11 20.61 6.26 -3.95
C ASN B 11 19.97 5.02 -4.55
N LEU B 12 18.85 5.16 -5.24
CA LEU B 12 18.25 3.95 -5.82
C LEU B 12 19.18 3.41 -6.91
N GLY B 13 19.67 4.30 -7.76
CA GLY B 13 20.61 3.87 -8.78
C GLY B 13 21.83 3.24 -8.13
N LYS B 14 22.36 3.90 -7.10
CA LYS B 14 23.53 3.36 -6.41
C LYS B 14 23.31 1.95 -5.87
N GLY B 15 22.17 1.76 -5.19
CA GLY B 15 21.83 0.47 -4.62
C GLY B 15 21.70 -0.60 -5.70
N LEU B 16 20.99 -0.28 -6.77
CA LEU B 16 20.84 -1.26 -7.86
C LEU B 16 22.19 -1.54 -8.51
N ALA B 17 22.99 -0.50 -8.74
CA ALA B 17 24.29 -0.73 -9.38
C ALA B 17 25.16 -1.65 -8.53
N LEU B 18 25.25 -1.35 -7.25
CA LEU B 18 26.10 -2.15 -6.38
C LEU B 18 25.63 -3.60 -6.24
N ARG B 19 24.33 -3.77 -6.03
CA ARG B 19 23.82 -5.12 -5.82
C ARG B 19 23.81 -5.97 -7.09
N LEU B 20 23.35 -5.39 -8.20
CA LEU B 20 23.31 -6.14 -9.45
C LEU B 20 24.72 -6.41 -10.02
N ALA B 21 25.66 -5.46 -9.90
CA ALA B 21 27.00 -5.70 -10.43
C ALA B 21 27.70 -6.83 -9.67
N THR B 22 27.47 -6.88 -8.36
CA THR B 22 28.05 -7.92 -7.52
C THR B 22 27.54 -9.30 -7.89
N LEU B 23 26.36 -9.34 -8.52
CA LEU B 23 25.73 -10.59 -8.96
C LEU B 23 26.23 -10.95 -10.38
N GLY B 24 27.07 -10.10 -10.95
CA GLY B 24 27.60 -10.39 -12.27
C GLY B 24 26.94 -9.71 -13.47
N HIS B 25 25.97 -8.83 -13.24
CA HIS B 25 25.35 -8.12 -14.36
C HIS B 25 26.24 -6.96 -14.78
N GLU B 26 26.14 -6.54 -16.05
CA GLU B 26 26.93 -5.41 -16.54
C GLU B 26 26.05 -4.17 -16.35
N ILE B 27 26.49 -3.26 -15.49
CA ILE B 27 25.72 -2.04 -15.19
C ILE B 27 26.25 -0.82 -15.89
N VAL B 28 25.36 -0.02 -16.47
CA VAL B 28 25.77 1.24 -17.10
C VAL B 28 24.99 2.36 -16.41
N VAL B 29 25.73 3.25 -15.75
CA VAL B 29 25.13 4.40 -15.10
C VAL B 29 24.98 5.48 -16.16
N GLY B 30 23.77 6.01 -16.31
CA GLY B 30 23.54 7.05 -17.30
C GLY B 30 23.27 8.39 -16.65
N SER B 31 23.70 9.47 -17.28
CA SER B 31 23.43 10.80 -16.76
C SER B 31 23.36 11.75 -17.95
N ARG B 32 22.85 12.95 -17.72
CA ARG B 32 22.77 13.92 -18.80
C ARG B 32 24.18 14.23 -19.29
N ARG B 33 25.12 14.36 -18.37
CA ARG B 33 26.50 14.66 -18.74
C ARG B 33 27.33 13.39 -18.55
N GLU B 34 28.07 13.01 -19.58
CA GLU B 34 28.90 11.82 -19.56
C GLU B 34 29.92 11.86 -18.43
N GLU B 35 30.45 13.04 -18.15
CA GLU B 35 31.46 13.20 -17.11
C GLU B 35 30.88 12.85 -15.74
N LYS B 36 29.62 13.22 -15.52
CA LYS B 36 28.93 12.95 -14.26
C LYS B 36 28.73 11.44 -14.10
N ALA B 37 28.25 10.80 -15.16
CA ALA B 37 28.03 9.35 -15.11
C ALA B 37 29.32 8.56 -14.88
N GLU B 38 30.41 8.96 -15.55
CA GLU B 38 31.68 8.27 -15.39
C GLU B 38 32.21 8.45 -13.98
N ALA B 39 31.96 9.62 -13.42
CA ALA B 39 32.41 9.91 -12.09
C ALA B 39 31.67 9.05 -11.08
N LYS B 40 30.34 8.92 -11.26
CA LYS B 40 29.58 8.11 -10.33
C LYS B 40 29.88 6.64 -10.54
N ALA B 41 30.10 6.22 -11.78
CA ALA B 41 30.44 4.82 -12.04
C ALA B 41 31.75 4.50 -11.28
N ALA B 42 32.70 5.42 -11.32
CA ALA B 42 34.00 5.22 -10.64
C ALA B 42 33.78 5.04 -9.15
N GLU B 43 32.92 5.91 -8.58
CA GLU B 43 32.57 5.88 -7.18
C GLU B 43 31.97 4.54 -6.78
N TYR B 44 31.04 4.04 -7.60
CA TYR B 44 30.39 2.77 -7.28
C TYR B 44 31.38 1.59 -7.34
N ARG B 45 32.25 1.60 -8.34
CA ARG B 45 33.25 0.54 -8.48
C ARG B 45 34.13 0.45 -7.23
N ARG B 46 34.51 1.60 -6.67
CA ARG B 46 35.34 1.61 -5.47
C ARG B 46 34.64 0.90 -4.33
N ILE B 47 33.33 1.11 -4.22
CA ILE B 47 32.56 0.49 -3.17
C ILE B 47 32.35 -0.99 -3.47
N ALA B 48 31.95 -1.28 -4.72
CA ALA B 48 31.67 -2.65 -5.13
C ALA B 48 32.89 -3.53 -5.31
N GLY B 49 34.00 -2.91 -5.66
CA GLY B 49 35.21 -3.68 -5.89
C GLY B 49 35.39 -3.98 -7.36
N ASP B 50 35.68 -5.25 -7.66
CA ASP B 50 35.94 -5.71 -9.02
C ASP B 50 34.67 -6.09 -9.82
N ALA B 51 33.90 -5.10 -10.24
CA ALA B 51 32.68 -5.38 -10.99
C ALA B 51 32.47 -4.47 -12.21
N SER B 52 31.56 -4.88 -13.08
CA SER B 52 31.29 -4.13 -14.28
C SER B 52 30.25 -3.03 -14.09
N ILE B 53 30.73 -1.82 -13.83
CA ILE B 53 29.89 -0.63 -13.67
C ILE B 53 30.58 0.45 -14.48
N THR B 54 29.92 0.90 -15.55
CA THR B 54 30.49 1.91 -16.42
C THR B 54 29.55 3.12 -16.52
N GLY B 55 30.09 4.26 -16.91
CA GLY B 55 29.26 5.45 -17.01
C GLY B 55 29.19 5.98 -18.43
N MET B 56 28.00 6.40 -18.86
CA MET B 56 27.81 6.94 -20.18
C MET B 56 26.71 7.98 -20.19
N LYS B 57 26.60 8.71 -21.29
CA LYS B 57 25.52 9.68 -21.43
C LYS B 57 24.27 8.77 -21.51
N ASN B 58 23.15 9.27 -21.00
CA ASN B 58 21.90 8.50 -21.03
C ASN B 58 21.61 7.83 -22.37
N GLU B 59 21.77 8.56 -23.47
CA GLU B 59 21.49 7.99 -24.79
C GLU B 59 22.35 6.76 -25.08
N ASP B 60 23.64 6.85 -24.78
CA ASP B 60 24.52 5.70 -25.03
C ASP B 60 24.24 4.54 -24.06
N ALA B 61 23.84 4.86 -22.83
CA ALA B 61 23.53 3.82 -21.85
C ALA B 61 22.31 3.04 -22.34
N ALA B 62 21.30 3.80 -22.78
CA ALA B 62 20.08 3.18 -23.31
C ALA B 62 20.39 2.31 -24.53
N GLU B 63 21.27 2.80 -25.40
CA GLU B 63 21.60 2.06 -26.61
C GLU B 63 22.26 0.71 -26.28
N ALA B 64 23.11 0.71 -25.26
CA ALA B 64 23.86 -0.49 -24.87
C ALA B 64 23.19 -1.56 -24.00
N CYS B 65 22.10 -1.18 -23.33
N CYS B 65 22.14 -1.22 -23.28
CA CYS B 65 21.39 -2.04 -22.39
CA CYS B 65 21.59 -2.22 -22.40
C CYS B 65 20.35 -3.02 -22.91
C CYS B 65 20.37 -2.99 -22.87
N ASP B 66 19.95 -3.95 -22.04
CA ASP B 66 18.84 -4.85 -22.33
C ASP B 66 17.61 -4.29 -21.61
N ILE B 67 17.86 -3.77 -20.41
CA ILE B 67 16.82 -3.21 -19.57
C ILE B 67 17.29 -1.82 -19.18
N ALA B 68 16.36 -0.86 -19.19
CA ALA B 68 16.69 0.49 -18.79
C ALA B 68 15.78 0.84 -17.61
N VAL B 69 16.38 1.32 -16.52
CA VAL B 69 15.60 1.70 -15.35
C VAL B 69 15.57 3.22 -15.27
N LEU B 70 14.39 3.79 -15.12
CA LEU B 70 14.26 5.25 -15.06
C LEU B 70 14.40 5.77 -13.62
N THR B 71 15.63 5.95 -13.16
CA THR B 71 15.84 6.43 -11.79
C THR B 71 15.83 7.98 -11.67
N ILE B 72 15.41 8.66 -12.74
N ILE B 72 15.38 8.64 -12.73
CA ILE B 72 15.36 10.12 -12.77
CA ILE B 72 15.30 10.10 -12.78
C ILE B 72 14.13 10.62 -12.00
C ILE B 72 14.10 10.62 -11.99
N PRO B 73 14.18 11.84 -11.47
CA PRO B 73 13.03 12.36 -10.73
C PRO B 73 11.82 12.48 -11.67
N TRP B 74 10.62 12.32 -11.14
CA TRP B 74 9.42 12.39 -11.98
C TRP B 74 9.36 13.72 -12.77
N GLU B 75 9.79 14.80 -12.14
CA GLU B 75 9.73 16.11 -12.77
C GLU B 75 10.41 16.20 -14.14
N HIS B 76 11.37 15.33 -14.41
CA HIS B 76 12.07 15.41 -15.70
C HIS B 76 11.96 14.13 -16.50
N ALA B 77 11.20 13.18 -15.98
CA ALA B 77 11.04 11.86 -16.59
C ALA B 77 10.41 11.80 -17.98
N ILE B 78 9.35 12.56 -18.20
CA ILE B 78 8.70 12.53 -19.49
C ILE B 78 9.60 13.09 -20.59
N ASP B 79 10.31 14.17 -20.28
CA ASP B 79 11.20 14.79 -21.25
C ASP B 79 12.35 13.85 -21.61
N THR B 80 12.85 13.14 -20.61
CA THR B 80 13.94 12.19 -20.81
C THR B 80 13.45 11.01 -21.63
N ALA B 81 12.29 10.47 -21.26
CA ALA B 81 11.73 9.35 -21.99
C ALA B 81 11.51 9.74 -23.45
N ARG B 82 10.92 10.92 -23.65
CA ARG B 82 10.63 11.36 -25.01
C ARG B 82 11.91 11.46 -25.85
N ASP B 83 12.97 12.02 -25.29
CA ASP B 83 14.22 12.14 -26.04
C ASP B 83 14.82 10.78 -26.41
N LEU B 84 14.58 9.78 -25.56
CA LEU B 84 15.14 8.44 -25.77
C LEU B 84 14.22 7.43 -26.43
N LYS B 85 13.00 7.88 -26.75
CA LYS B 85 11.94 7.09 -27.37
C LYS B 85 12.39 6.09 -28.43
N ASN B 86 13.10 6.58 -29.45
CA ASN B 86 13.53 5.71 -30.53
C ASN B 86 14.42 4.57 -30.09
N ILE B 87 15.24 4.84 -29.09
CA ILE B 87 16.14 3.84 -28.56
C ILE B 87 15.44 2.92 -27.57
N LEU B 88 14.69 3.52 -26.65
CA LEU B 88 14.00 2.78 -25.60
C LEU B 88 12.77 1.98 -26.00
N ARG B 89 12.12 2.39 -27.10
CA ARG B 89 10.92 1.72 -27.57
C ARG B 89 11.04 0.22 -27.72
N GLU B 90 12.23 -0.26 -28.08
CA GLU B 90 12.39 -1.69 -28.24
C GLU B 90 13.05 -2.41 -27.07
N LYS B 91 13.28 -1.70 -25.98
CA LYS B 91 13.91 -2.31 -24.82
C LYS B 91 12.88 -2.45 -23.72
N ILE B 92 13.24 -3.20 -22.70
CA ILE B 92 12.40 -3.33 -21.54
C ILE B 92 12.73 -2.08 -20.73
N VAL B 93 11.72 -1.32 -20.32
CA VAL B 93 11.93 -0.11 -19.53
C VAL B 93 11.23 -0.30 -18.19
N VAL B 94 11.96 -0.09 -17.10
CA VAL B 94 11.38 -0.26 -15.78
C VAL B 94 11.15 1.10 -15.19
N SER B 95 9.91 1.33 -14.76
CA SER B 95 9.54 2.59 -14.16
C SER B 95 9.25 2.47 -12.67
N PRO B 96 10.08 3.10 -11.80
CA PRO B 96 9.91 3.12 -10.33
C PRO B 96 9.34 4.51 -10.00
N LEU B 97 8.94 5.22 -11.05
CA LEU B 97 8.43 6.58 -10.93
C LEU B 97 7.11 6.73 -10.20
N VAL B 98 7.02 7.81 -9.41
CA VAL B 98 5.79 8.09 -8.69
C VAL B 98 5.47 9.58 -8.69
N PRO B 99 4.24 9.97 -9.08
CA PRO B 99 3.85 11.38 -9.09
C PRO B 99 3.36 11.63 -7.65
N VAL B 100 4.18 12.30 -6.84
CA VAL B 100 3.79 12.55 -5.45
C VAL B 100 4.11 13.99 -5.13
N SER B 101 3.26 14.59 -4.32
CA SER B 101 3.43 15.98 -3.93
C SER B 101 3.39 16.06 -2.43
N ARG B 102 4.10 17.05 -1.91
CA ARG B 102 4.14 17.30 -0.48
C ARG B 102 3.12 18.42 -0.25
N GLY B 103 2.40 18.36 0.86
CA GLY B 103 1.43 19.40 1.12
C GLY B 103 1.31 19.61 2.60
N ALA B 104 0.59 20.64 3.01
CA ALA B 104 0.47 20.90 4.45
C ALA B 104 -0.29 19.80 5.16
N LYS B 105 -1.10 19.03 4.43
CA LYS B 105 -1.85 17.93 5.04
C LYS B 105 -1.20 16.57 4.72
N GLY B 106 0.03 16.62 4.26
CA GLY B 106 0.68 15.35 3.99
C GLY B 106 0.94 15.15 2.52
N PHE B 107 1.32 13.93 2.17
CA PHE B 107 1.67 13.57 0.81
C PHE B 107 0.52 13.06 0.01
N THR B 108 0.45 13.50 -1.24
CA THR B 108 -0.64 13.09 -2.12
C THR B 108 -0.16 12.50 -3.43
N TYR B 109 -1.02 11.68 -4.02
CA TYR B 109 -0.74 11.08 -5.35
C TYR B 109 -1.24 12.19 -6.28
N SER B 110 -0.32 12.78 -7.05
CA SER B 110 -0.64 13.94 -7.87
C SER B 110 -0.85 13.80 -9.36
N SER B 111 -1.42 12.67 -9.79
CA SER B 111 -1.71 12.48 -11.20
C SER B 111 -3.02 11.72 -11.34
N GLU B 112 -3.73 11.96 -12.44
CA GLU B 112 -4.97 11.24 -12.70
C GLU B 112 -4.67 9.96 -13.49
N ARG B 113 -3.47 9.87 -14.04
CA ARG B 113 -3.01 8.67 -14.75
C ARG B 113 -1.71 8.32 -14.05
N SER B 114 -1.31 7.05 -14.13
CA SER B 114 -0.08 6.63 -13.43
C SER B 114 1.15 7.06 -14.21
N ALA B 115 2.28 7.12 -13.50
CA ALA B 115 3.52 7.51 -14.14
C ALA B 115 3.91 6.45 -15.17
N ALA B 116 3.73 5.17 -14.81
CA ALA B 116 4.11 4.11 -15.74
C ALA B 116 3.30 4.15 -17.03
N GLU B 117 2.01 4.41 -16.93
CA GLU B 117 1.19 4.44 -18.16
C GLU B 117 1.52 5.67 -18.98
N ILE B 118 1.78 6.79 -18.32
CA ILE B 118 2.17 7.99 -19.08
C ILE B 118 3.49 7.69 -19.82
N VAL B 119 4.43 7.04 -19.14
CA VAL B 119 5.72 6.69 -19.79
C VAL B 119 5.46 5.74 -20.97
N ALA B 120 4.62 4.74 -20.77
CA ALA B 120 4.34 3.80 -21.87
C ALA B 120 3.78 4.55 -23.09
N GLU B 121 2.97 5.55 -22.84
CA GLU B 121 2.38 6.32 -23.95
C GLU B 121 3.42 7.18 -24.64
N VAL B 122 4.27 7.83 -23.85
CA VAL B 122 5.32 8.68 -24.41
C VAL B 122 6.29 7.86 -25.23
N LEU B 123 6.55 6.64 -24.78
CA LEU B 123 7.48 5.76 -25.49
C LEU B 123 6.87 4.99 -26.64
N GLU B 124 5.53 4.89 -26.65
CA GLU B 124 4.77 4.12 -27.62
C GLU B 124 5.32 2.71 -27.47
N SER B 125 5.46 2.29 -26.21
CA SER B 125 6.03 0.99 -25.89
C SER B 125 5.09 0.01 -25.21
N GLU B 126 5.27 -1.26 -25.55
CA GLU B 126 4.50 -2.34 -24.99
C GLU B 126 5.34 -3.04 -23.91
N LYS B 127 6.58 -2.59 -23.74
CA LYS B 127 7.50 -3.23 -22.81
C LYS B 127 7.87 -2.46 -21.54
N VAL B 128 6.98 -1.59 -21.09
CA VAL B 128 7.25 -0.85 -19.85
C VAL B 128 6.80 -1.73 -18.68
N VAL B 129 7.63 -1.83 -17.64
CA VAL B 129 7.28 -2.64 -16.46
C VAL B 129 7.39 -1.72 -15.27
N SER B 130 6.35 -1.65 -14.46
CA SER B 130 6.31 -0.77 -13.28
C SER B 130 6.83 -1.57 -12.07
N ALA B 131 7.91 -1.08 -11.44
CA ALA B 131 8.49 -1.78 -10.28
C ALA B 131 9.51 -0.93 -9.54
N LEU B 132 9.83 -1.36 -8.32
CA LEU B 132 10.84 -0.77 -7.46
C LEU B 132 10.51 0.55 -6.80
N HIS B 133 9.24 0.96 -6.85
CA HIS B 133 8.85 2.24 -6.24
C HIS B 133 9.01 2.32 -4.73
N THR B 134 8.83 1.20 -4.04
CA THR B 134 8.88 1.24 -2.58
C THR B 134 10.11 0.64 -1.96
N ILE B 135 11.24 0.87 -2.60
CA ILE B 135 12.50 0.39 -2.05
C ILE B 135 13.13 1.62 -1.36
N PRO B 136 13.29 1.56 -0.01
CA PRO B 136 13.89 2.67 0.77
C PRO B 136 15.30 2.84 0.22
N ALA B 137 15.51 3.88 -0.56
CA ALA B 137 16.78 4.09 -1.22
C ALA B 137 18.04 4.13 -0.36
N ALA B 138 18.02 4.90 0.73
CA ALA B 138 19.21 4.98 1.59
C ALA B 138 19.60 3.63 2.19
N ARG B 139 18.61 2.90 2.69
CA ARG B 139 18.86 1.61 3.28
C ARG B 139 19.33 0.64 2.21
N PHE B 140 18.73 0.74 1.02
CA PHE B 140 19.08 -0.16 -0.08
C PHE B 140 20.51 0.07 -0.56
N ALA B 141 20.96 1.32 -0.51
CA ALA B 141 22.31 1.66 -0.97
C ALA B 141 23.40 1.34 0.03
N ASN B 142 22.99 0.96 1.25
CA ASN B 142 23.93 0.59 2.32
C ASN B 142 24.13 -0.92 2.27
N LEU B 143 25.31 -1.39 1.88
CA LEU B 143 25.54 -2.82 1.76
C LEU B 143 25.59 -3.59 3.08
N ASP B 144 25.62 -2.89 4.20
CA ASP B 144 25.64 -3.58 5.50
C ASP B 144 24.24 -3.79 6.04
N GLU B 145 23.25 -3.19 5.37
CA GLU B 145 21.85 -3.29 5.80
C GLU B 145 21.17 -4.54 5.23
N LYS B 146 20.43 -5.27 6.07
CA LYS B 146 19.69 -6.43 5.61
C LYS B 146 18.21 -6.02 5.64
N PHE B 147 17.44 -6.57 4.71
CA PHE B 147 16.02 -6.23 4.62
C PHE B 147 15.18 -7.39 4.09
N ASP B 148 13.86 -7.23 4.19
CA ASP B 148 12.91 -8.23 3.72
C ASP B 148 11.74 -7.43 3.16
N TRP B 149 11.82 -7.08 1.89
CA TRP B 149 10.80 -6.26 1.27
C TRP B 149 10.14 -6.90 0.08
N ASP B 150 8.88 -6.54 -0.14
CA ASP B 150 8.17 -7.03 -1.31
C ASP B 150 8.17 -5.94 -2.39
N VAL B 151 8.18 -6.38 -3.65
CA VAL B 151 8.22 -5.43 -4.75
C VAL B 151 7.11 -5.74 -5.74
N PRO B 152 5.98 -5.02 -5.65
CA PRO B 152 4.88 -5.28 -6.58
C PRO B 152 5.36 -4.89 -7.99
N VAL B 153 5.00 -5.69 -8.99
CA VAL B 153 5.43 -5.43 -10.37
C VAL B 153 4.20 -5.50 -11.30
N CYS B 154 4.02 -4.46 -12.12
CA CYS B 154 2.89 -4.37 -13.05
C CYS B 154 3.42 -4.29 -14.49
N GLY B 155 2.61 -4.74 -15.43
CA GLY B 155 3.05 -4.68 -16.82
C GLY B 155 2.14 -5.47 -17.72
N ASP B 156 2.05 -5.03 -18.96
CA ASP B 156 1.19 -5.67 -19.95
C ASP B 156 1.84 -6.85 -20.70
N ASP B 157 3.17 -6.82 -20.82
CA ASP B 157 3.86 -7.90 -21.52
C ASP B 157 4.38 -8.97 -20.57
N ASP B 158 3.83 -10.18 -20.67
CA ASP B 158 4.25 -11.25 -19.77
C ASP B 158 5.75 -11.50 -19.73
N GLU B 159 6.38 -11.55 -20.91
CA GLU B 159 7.81 -11.83 -20.95
C GLU B 159 8.68 -10.76 -20.28
N SER B 160 8.37 -9.50 -20.57
CA SER B 160 9.16 -8.39 -20.01
C SER B 160 8.98 -8.40 -18.51
N LYS B 161 7.76 -8.63 -18.07
CA LYS B 161 7.50 -8.64 -16.64
C LYS B 161 8.26 -9.81 -15.98
N LYS B 162 8.25 -10.97 -16.64
CA LYS B 162 8.93 -12.12 -16.08
C LYS B 162 10.43 -11.88 -15.94
N VAL B 163 11.03 -11.26 -16.94
CA VAL B 163 12.45 -10.95 -16.91
C VAL B 163 12.78 -10.02 -15.73
N VAL B 164 11.97 -8.98 -15.57
CA VAL B 164 12.19 -8.02 -14.52
C VAL B 164 11.97 -8.67 -13.15
N MET B 165 10.93 -9.47 -13.03
CA MET B 165 10.72 -10.14 -11.74
C MET B 165 11.87 -11.09 -11.42
N SER B 166 12.38 -11.78 -12.43
N SER B 166 12.38 -11.78 -12.43
CA SER B 166 13.49 -12.70 -12.18
CA SER B 166 13.49 -12.70 -12.20
C SER B 166 14.72 -11.93 -11.69
C SER B 166 14.74 -11.95 -11.73
N LEU B 167 14.98 -10.79 -12.34
CA LEU B 167 16.12 -9.94 -11.97
C LEU B 167 15.98 -9.47 -10.54
N ILE B 168 14.80 -8.96 -10.18
CA ILE B 168 14.58 -8.51 -8.80
C ILE B 168 14.78 -9.67 -7.78
N SER B 169 14.31 -10.86 -8.12
N SER B 169 14.31 -10.87 -8.11
CA SER B 169 14.43 -12.03 -7.22
CA SER B 169 14.45 -12.01 -7.20
C SER B 169 15.88 -12.40 -6.89
C SER B 169 15.89 -12.39 -6.87
N GLU B 170 16.81 -12.02 -7.75
CA GLU B 170 18.23 -12.33 -7.53
C GLU B 170 18.82 -11.56 -6.36
N ILE B 171 18.22 -10.41 -6.03
CA ILE B 171 18.71 -9.61 -4.91
C ILE B 171 18.14 -10.16 -3.61
N ASP B 172 19.03 -10.63 -2.73
CA ASP B 172 18.64 -11.19 -1.44
C ASP B 172 17.89 -10.11 -0.68
N GLY B 173 16.67 -10.45 -0.24
CA GLY B 173 15.87 -9.50 0.50
C GLY B 173 14.72 -8.89 -0.27
N LEU B 174 14.67 -9.11 -1.59
CA LEU B 174 13.57 -8.55 -2.37
C LEU B 174 12.72 -9.70 -2.92
N ARG B 175 11.41 -9.58 -2.79
CA ARG B 175 10.52 -10.59 -3.33
C ARG B 175 9.56 -9.90 -4.28
N PRO B 176 9.65 -10.21 -5.59
CA PRO B 176 8.73 -9.55 -6.52
C PRO B 176 7.37 -10.24 -6.50
N LEU B 177 6.32 -9.45 -6.68
CA LEU B 177 4.95 -9.97 -6.69
C LEU B 177 4.25 -9.38 -7.89
N ASP B 178 3.65 -10.24 -8.72
CA ASP B 178 2.93 -9.76 -9.90
C ASP B 178 1.63 -9.05 -9.45
N ALA B 179 1.45 -7.81 -9.86
CA ALA B 179 0.25 -7.04 -9.50
C ALA B 179 -0.67 -6.83 -10.70
N GLY B 180 -0.40 -7.54 -11.80
CA GLY B 180 -1.25 -7.44 -12.97
C GLY B 180 -0.79 -6.54 -14.11
N PRO B 181 -1.74 -6.12 -14.95
CA PRO B 181 -1.50 -5.25 -16.11
C PRO B 181 -0.98 -3.87 -15.67
N LEU B 182 -0.48 -3.08 -16.62
CA LEU B 182 0.02 -1.75 -16.26
C LEU B 182 -1.09 -0.86 -15.71
N SER B 183 -2.34 -1.22 -15.98
CA SER B 183 -3.47 -0.43 -15.48
C SER B 183 -3.60 -0.46 -13.96
N ASN B 184 -2.80 -1.30 -13.30
CA ASN B 184 -2.81 -1.35 -11.83
C ASN B 184 -1.65 -0.59 -11.26
N SER B 185 -0.86 0.05 -12.12
N SER B 185 -0.86 0.04 -12.12
CA SER B 185 0.32 0.77 -11.64
CA SER B 185 0.31 0.75 -11.62
C SER B 185 -0.01 1.89 -10.66
C SER B 185 -0.02 1.88 -10.65
N ARG B 186 -1.16 2.55 -10.83
CA ARG B 186 -1.52 3.63 -9.90
C ARG B 186 -1.61 3.07 -8.47
N LEU B 187 -2.10 1.85 -8.32
CA LEU B 187 -2.24 1.26 -6.98
C LEU B 187 -0.89 0.96 -6.38
N VAL B 188 0.06 0.56 -7.24
CA VAL B 188 1.39 0.27 -6.73
C VAL B 188 2.13 1.58 -6.44
N GLU B 189 2.04 2.54 -7.35
CA GLU B 189 2.73 3.81 -7.17
C GLU B 189 2.21 4.54 -5.94
N SER B 190 0.93 4.36 -5.63
N SER B 190 0.93 4.31 -5.64
CA SER B 190 0.32 5.04 -4.48
CA SER B 190 0.23 4.94 -4.51
C SER B 190 0.98 4.63 -3.16
C SER B 190 0.84 4.54 -3.15
N LEU B 191 1.61 3.47 -3.13
CA LEU B 191 2.24 3.04 -1.89
C LEU B 191 3.26 4.07 -1.41
N THR B 192 3.89 4.80 -2.34
CA THR B 192 4.90 5.77 -1.94
C THR B 192 4.33 6.91 -1.11
N PRO B 193 3.31 7.64 -1.64
CA PRO B 193 2.81 8.70 -0.76
C PRO B 193 2.19 8.13 0.54
N LEU B 194 1.65 6.91 0.49
CA LEU B 194 1.12 6.33 1.75
C LEU B 194 2.27 6.20 2.74
N ILE B 195 3.36 5.57 2.29
CA ILE B 195 4.51 5.39 3.17
C ILE B 195 5.10 6.72 3.66
N LEU B 196 5.19 7.72 2.78
CA LEU B 196 5.73 9.01 3.20
C LEU B 196 4.82 9.60 4.31
N ASN B 197 3.52 9.38 4.20
CA ASN B 197 2.59 9.86 5.24
C ASN B 197 2.84 9.12 6.53
N ILE B 198 2.99 7.80 6.45
CA ILE B 198 3.29 7.00 7.68
C ILE B 198 4.62 7.52 8.28
N MET B 199 5.63 7.75 7.46
CA MET B 199 6.91 8.28 8.00
C MET B 199 6.68 9.61 8.70
N ARG B 200 5.91 10.47 8.05
CA ARG B 200 5.69 11.80 8.63
C ARG B 200 4.93 11.81 9.95
N PHE B 201 3.77 11.15 9.96
CA PHE B 201 2.93 11.18 11.15
C PHE B 201 3.30 10.29 12.34
N ASN B 202 4.27 9.40 12.16
CA ASN B 202 4.71 8.53 13.26
C ASN B 202 6.19 8.75 13.56
N GLY B 203 6.79 9.73 12.89
CA GLY B 203 8.20 10.03 13.10
C GLY B 203 9.11 8.85 12.81
N MET B 204 8.83 8.14 11.73
CA MET B 204 9.61 6.97 11.35
C MET B 204 10.53 7.22 10.17
N GLY B 205 11.60 6.43 10.10
CA GLY B 205 12.54 6.53 8.99
C GLY B 205 11.99 5.82 7.76
N GLU B 206 12.81 5.70 6.72
CA GLU B 206 12.41 5.05 5.47
C GLU B 206 11.88 3.64 5.70
N LEU B 207 10.79 3.28 5.02
CA LEU B 207 10.18 1.98 5.18
C LEU B 207 9.85 1.30 3.85
N GLY B 208 9.89 -0.02 3.88
CA GLY B 208 9.49 -0.81 2.73
C GLY B 208 8.19 -1.47 3.18
N ILE B 209 7.67 -2.37 2.35
N ILE B 209 7.68 -2.39 2.38
CA ILE B 209 6.41 -3.03 2.68
CA ILE B 209 6.46 -3.07 2.76
C ILE B 209 6.52 -4.56 2.47
C ILE B 209 6.58 -4.57 2.53
N LYS B 210 5.74 -5.32 3.25
CA LYS B 210 5.71 -6.76 3.15
C LYS B 210 4.24 -7.18 3.16
N PHE B 211 3.86 -8.09 2.28
CA PHE B 211 2.48 -8.60 2.25
C PHE B 211 2.55 -9.99 2.85
N LEU B 212 1.79 -10.23 3.91
CA LEU B 212 1.81 -11.54 4.55
C LEU B 212 0.54 -11.80 5.35
#